data_3M0A
#
_entry.id   3M0A
#
_cell.length_a   92.123
_cell.length_b   92.123
_cell.length_c   85.971
_cell.angle_alpha   90.000
_cell.angle_beta   90.000
_cell.angle_gamma   90.000
#
_symmetry.space_group_name_H-M   'I 41'
#
loop_
_entity.id
_entity.type
_entity.pdbx_description
1 polymer 'TNF receptor-associated factor 2'
2 polymer 'Baculoviral IAP repeat-containing protein 3'
3 non-polymer 'ZINC ION'
4 water water
#
loop_
_entity_poly.entity_id
_entity_poly.type
_entity_poly.pdbx_seq_one_letter_code
_entity_poly.pdbx_strand_id
1 'polypeptide(L)' SELLQRCESLEKKTATFENIVCVLNREVERVAMTAEACSRQHRLDQDKIEALSSKVQQLERSIGLE A,B,C
2 'polypeptide(L)' MLSCELYRMSTYSTFPAGVPVSERSLARAGFYYTGVNDKVKCFCCGLMLDNWKRGDSPTEKHKKLYPSCRFVQSL D
#
loop_
_chem_comp.id
_chem_comp.type
_chem_comp.name
_chem_comp.formula
ZN non-polymer 'ZINC ION' 'Zn 2'
#
# COMPACT_ATOMS: atom_id res chain seq x y z
N GLU A 2 38.89 -14.20 2.88
CA GLU A 2 38.03 -14.67 1.75
C GLU A 2 37.03 -15.70 2.26
N LEU A 3 37.06 -16.93 1.78
CA LEU A 3 35.91 -17.81 1.95
C LEU A 3 35.21 -17.83 3.32
N LEU A 4 35.95 -17.77 4.42
CA LEU A 4 35.37 -17.83 5.78
C LEU A 4 34.85 -16.50 6.34
N GLN A 5 35.39 -15.41 5.82
CA GLN A 5 34.88 -14.09 6.10
C GLN A 5 33.59 -13.86 5.36
N ARG A 6 33.51 -14.38 4.14
CA ARG A 6 32.35 -14.26 3.32
C ARG A 6 31.22 -15.09 3.90
N CYS A 7 31.59 -16.07 4.71
CA CYS A 7 30.65 -16.99 5.30
C CYS A 7 30.11 -16.46 6.63
N GLU A 8 31.02 -15.95 7.45
CA GLU A 8 30.70 -15.21 8.67
C GLU A 8 29.68 -14.15 8.29
N SER A 9 30.04 -13.20 7.43
CA SER A 9 29.19 -12.08 7.08
C SER A 9 27.82 -12.48 6.50
N LEU A 10 27.84 -13.44 5.58
CA LEU A 10 26.63 -14.02 5.03
C LEU A 10 25.72 -14.49 6.16
N GLU A 11 26.29 -15.19 7.12
CA GLU A 11 25.49 -15.75 8.19
C GLU A 11 25.00 -14.66 9.13
N LYS A 12 25.74 -13.54 9.21
CA LYS A 12 25.33 -12.36 10.02
C LYS A 12 24.18 -11.57 9.37
N LYS A 13 24.32 -11.31 8.06
CA LYS A 13 23.30 -10.73 7.20
C LYS A 13 21.99 -11.53 7.30
N THR A 14 22.15 -12.83 7.08
CA THR A 14 21.09 -13.76 7.01
C THR A 14 20.30 -13.76 8.29
N ALA A 15 20.99 -13.92 9.42
CA ALA A 15 20.33 -13.94 10.73
C ALA A 15 19.52 -12.65 11.03
N THR A 16 20.06 -11.48 10.64
CA THR A 16 19.44 -10.16 10.91
C THR A 16 18.25 -9.91 9.96
N PHE A 17 18.52 -10.27 8.70
CA PHE A 17 17.51 -10.18 7.66
C PHE A 17 16.31 -10.90 8.21
N GLU A 18 16.51 -12.12 8.69
CA GLU A 18 15.38 -12.89 9.26
C GLU A 18 14.61 -12.10 10.38
N ASN A 19 15.25 -11.12 11.02
CA ASN A 19 14.55 -10.38 12.09
C ASN A 19 13.90 -9.05 11.68
N ILE A 20 14.61 -8.35 10.79
CA ILE A 20 14.11 -7.24 10.00
C ILE A 20 12.75 -7.58 9.35
N VAL A 21 12.67 -8.72 8.67
CA VAL A 21 11.39 -9.15 8.17
C VAL A 21 10.33 -9.26 9.25
N CYS A 22 10.64 -9.77 10.44
CA CYS A 22 9.56 -9.84 11.46
C CYS A 22 9.18 -8.46 11.85
N VAL A 23 10.15 -7.52 11.84
CA VAL A 23 9.87 -6.17 12.23
C VAL A 23 8.84 -5.70 11.22
N LEU A 24 9.22 -5.95 9.98
CA LEU A 24 8.47 -5.54 8.85
C LEU A 24 7.07 -6.07 8.89
N ASN A 25 6.90 -7.34 9.20
CA ASN A 25 5.58 -7.85 9.11
C ASN A 25 4.79 -7.78 10.39
N ARG A 26 5.49 -7.47 11.46
CA ARG A 26 4.89 -6.97 12.69
C ARG A 26 4.35 -5.53 12.46
N GLU A 27 4.95 -4.81 11.51
CA GLU A 27 4.48 -3.49 11.07
C GLU A 27 3.25 -3.73 10.24
N VAL A 28 3.21 -4.85 9.51
CA VAL A 28 2.07 -5.18 8.70
C VAL A 28 0.84 -5.43 9.58
N GLU A 29 1.03 -6.09 10.74
CA GLU A 29 -0.12 -6.38 11.64
C GLU A 29 -0.61 -5.14 12.27
N ARG A 30 0.32 -4.27 12.64
CA ARG A 30 -0.09 -3.03 13.23
C ARG A 30 -0.93 -2.29 12.21
N VAL A 31 -0.44 -2.14 11.01
CA VAL A 31 -1.19 -1.41 10.01
C VAL A 31 -2.54 -2.07 9.71
N ALA A 32 -2.55 -3.35 9.34
CA ALA A 32 -3.82 -4.06 9.10
C ALA A 32 -4.87 -3.89 10.21
N MET A 33 -4.39 -3.68 11.44
CA MET A 33 -5.26 -3.51 12.60
C MET A 33 -5.90 -2.12 12.57
N THR A 34 -5.17 -1.10 12.06
CA THR A 34 -5.76 0.22 11.86
C THR A 34 -6.66 0.30 10.58
N ALA A 35 -6.40 -0.55 9.57
CA ALA A 35 -7.24 -0.67 8.35
C ALA A 35 -8.65 -1.19 8.59
N GLU A 36 -8.76 -2.39 9.17
CA GLU A 36 -10.05 -2.91 9.65
C GLU A 36 -10.80 -1.94 10.63
N ALA A 37 -10.07 -1.03 11.31
CA ALA A 37 -10.71 -0.08 12.20
C ALA A 37 -11.44 1.01 11.41
N CYS A 38 -10.89 1.39 10.28
CA CYS A 38 -11.51 2.42 9.50
C CYS A 38 -12.53 1.86 8.54
N SER A 39 -12.37 0.60 8.14
CA SER A 39 -13.26 0.00 7.13
C SER A 39 -14.59 -0.34 7.75
N ARG A 40 -14.56 -0.69 9.05
CA ARG A 40 -15.73 -0.87 9.91
C ARG A 40 -16.34 0.48 10.25
N GLN A 41 -15.55 1.54 10.07
CA GLN A 41 -16.03 2.92 10.26
C GLN A 41 -16.73 3.55 9.06
N HIS A 42 -16.65 2.92 7.90
CA HIS A 42 -17.61 3.15 6.83
C HIS A 42 -18.92 2.46 7.18
N ARG A 43 -18.85 1.17 7.52
CA ARG A 43 -20.05 0.31 7.74
C ARG A 43 -21.03 0.86 8.79
N LEU A 44 -20.48 1.37 9.91
CA LEU A 44 -21.27 2.05 10.92
C LEU A 44 -21.74 3.44 10.42
N ASP A 45 -20.94 4.06 9.55
CA ASP A 45 -21.23 5.41 9.08
C ASP A 45 -22.02 5.37 7.75
N GLN A 46 -22.06 4.21 7.09
CA GLN A 46 -23.07 3.97 6.06
C GLN A 46 -24.43 3.92 6.77
N ASP A 47 -24.55 3.05 7.78
CA ASP A 47 -25.83 2.78 8.48
C ASP A 47 -26.48 3.98 9.27
N LYS A 48 -25.67 4.91 9.77
CA LYS A 48 -26.19 6.14 10.41
C LYS A 48 -26.50 7.26 9.36
N ILE A 49 -25.73 7.37 8.30
CA ILE A 49 -26.17 8.25 7.22
C ILE A 49 -27.32 7.69 6.37
N GLU A 50 -27.43 6.36 6.19
CA GLU A 50 -28.51 5.78 5.40
C GLU A 50 -29.84 5.97 6.12
N ALA A 51 -29.74 6.21 7.42
CA ALA A 51 -30.90 6.35 8.27
C ALA A 51 -31.41 7.79 8.27
N LEU A 52 -30.49 8.73 8.40
CA LEU A 52 -30.79 10.12 8.37
C LEU A 52 -31.15 10.57 7.00
N SER A 53 -30.48 10.06 5.98
CA SER A 53 -30.91 10.29 4.62
C SER A 53 -32.43 10.01 4.48
N SER A 54 -32.95 9.14 5.35
CA SER A 54 -34.33 8.65 5.26
C SER A 54 -35.34 9.45 6.03
N LYS A 55 -35.04 9.71 7.30
CA LYS A 55 -35.81 10.63 8.14
C LYS A 55 -36.07 11.95 7.42
N VAL A 56 -35.05 12.43 6.74
CA VAL A 56 -35.07 13.69 6.07
C VAL A 56 -35.87 13.66 4.78
N GLN A 57 -36.05 12.49 4.18
CA GLN A 57 -37.03 12.37 3.05
C GLN A 57 -38.45 12.04 3.56
N GLN A 58 -38.56 11.76 4.86
CA GLN A 58 -39.84 11.59 5.50
C GLN A 58 -40.35 12.98 5.85
N LEU A 59 -39.47 13.81 6.40
CA LEU A 59 -39.81 15.19 6.67
C LEU A 59 -40.08 15.95 5.42
N GLU A 60 -39.28 15.71 4.40
CA GLU A 60 -39.47 16.38 3.15
C GLU A 60 -40.82 16.01 2.56
N ARG A 61 -41.26 14.77 2.76
CA ARG A 61 -42.57 14.36 2.25
C ARG A 61 -43.70 14.94 3.11
N SER A 62 -43.49 15.00 4.42
CA SER A 62 -44.45 15.66 5.29
C SER A 62 -44.73 17.07 4.81
N ILE A 63 -43.68 17.89 4.70
CA ILE A 63 -43.80 19.23 4.13
C ILE A 63 -43.96 19.12 2.60
N GLU B 2 33.06 -27.03 10.32
CA GLU B 2 32.96 -25.58 9.93
C GLU B 2 32.58 -25.39 8.44
N LEU B 3 33.45 -24.74 7.64
CA LEU B 3 33.06 -24.13 6.37
C LEU B 3 32.01 -24.79 5.49
N LEU B 4 32.09 -26.09 5.32
CA LEU B 4 31.19 -26.81 4.41
C LEU B 4 29.77 -27.09 4.95
N GLN B 5 29.66 -27.26 6.28
CA GLN B 5 28.35 -27.43 6.96
C GLN B 5 27.70 -26.03 7.31
N ARG B 6 28.57 -25.10 7.75
CA ARG B 6 28.23 -23.73 8.00
C ARG B 6 27.75 -23.15 6.69
N CYS B 7 28.32 -23.65 5.61
CA CYS B 7 27.85 -23.23 4.32
C CYS B 7 26.52 -23.88 3.92
N GLU B 8 26.32 -25.17 4.21
CA GLU B 8 25.03 -25.87 3.83
C GLU B 8 23.84 -25.28 4.58
N SER B 9 24.13 -24.81 5.79
CA SER B 9 23.18 -24.12 6.65
C SER B 9 22.71 -22.82 5.95
N LEU B 10 23.65 -21.99 5.50
CA LEU B 10 23.35 -20.84 4.66
C LEU B 10 22.48 -21.11 3.45
N GLU B 11 22.57 -22.29 2.88
CA GLU B 11 21.64 -22.73 1.82
C GLU B 11 20.24 -23.10 2.31
N LYS B 12 20.11 -24.02 3.28
CA LYS B 12 18.78 -24.32 3.87
C LYS B 12 18.00 -23.01 4.16
N LYS B 13 18.54 -22.17 5.05
CA LYS B 13 17.91 -20.92 5.45
C LYS B 13 17.64 -20.02 4.23
N THR B 14 18.66 -19.70 3.46
CA THR B 14 18.51 -18.73 2.37
C THR B 14 17.39 -19.18 1.45
N ALA B 15 17.07 -20.47 1.49
CA ALA B 15 16.09 -21.03 0.60
C ALA B 15 14.72 -20.74 1.14
N THR B 16 14.54 -20.74 2.46
CA THR B 16 13.26 -20.40 3.00
C THR B 16 12.92 -18.95 2.65
N PHE B 17 13.95 -18.10 2.57
CA PHE B 17 13.73 -16.63 2.34
C PHE B 17 12.92 -16.33 1.12
N GLU B 18 13.16 -17.05 0.01
CA GLU B 18 12.36 -16.83 -1.23
C GLU B 18 10.89 -16.80 -0.91
N ASN B 19 10.41 -17.81 -0.18
CA ASN B 19 9.00 -17.86 0.13
C ASN B 19 8.55 -16.82 1.15
N ILE B 20 9.35 -16.61 2.18
CA ILE B 20 9.08 -15.54 3.14
C ILE B 20 8.90 -14.20 2.48
N VAL B 21 9.68 -13.92 1.47
CA VAL B 21 9.51 -12.67 0.77
C VAL B 21 8.29 -12.67 -0.18
N CYS B 22 7.92 -13.79 -0.79
CA CYS B 22 6.60 -13.76 -1.49
C CYS B 22 5.41 -13.45 -0.60
N VAL B 23 5.24 -14.19 0.49
CA VAL B 23 4.20 -13.96 1.47
C VAL B 23 4.16 -12.47 1.88
N LEU B 24 5.28 -11.96 2.43
CA LEU B 24 5.32 -10.57 2.91
C LEU B 24 4.82 -9.59 1.84
N ASN B 25 5.22 -9.91 0.59
CA ASN B 25 4.94 -9.06 -0.56
C ASN B 25 3.46 -8.94 -0.66
N ARG B 26 2.79 -10.10 -0.84
CA ARG B 26 1.31 -10.20 -0.88
C ARG B 26 0.62 -9.46 0.30
N GLU B 27 1.08 -9.75 1.50
CA GLU B 27 0.45 -9.23 2.65
C GLU B 27 0.58 -7.73 2.68
N VAL B 28 1.75 -7.25 2.31
CA VAL B 28 1.89 -5.83 2.14
C VAL B 28 0.99 -5.36 1.02
N GLU B 29 0.85 -6.10 -0.09
CA GLU B 29 -0.02 -5.58 -1.17
C GLU B 29 -1.43 -5.59 -0.68
N ARG B 30 -1.86 -6.70 -0.05
CA ARG B 30 -3.24 -6.81 0.49
C ARG B 30 -3.48 -5.61 1.36
N VAL B 31 -2.57 -5.33 2.26
CA VAL B 31 -2.92 -4.23 3.13
C VAL B 31 -3.01 -2.92 2.38
N ALA B 32 -2.25 -2.75 1.31
CA ALA B 32 -2.22 -1.43 0.73
C ALA B 32 -3.47 -1.23 -0.07
N MET B 33 -4.10 -2.33 -0.46
CA MET B 33 -5.34 -2.21 -1.18
C MET B 33 -6.50 -1.94 -0.27
N THR B 34 -6.55 -2.67 0.83
CA THR B 34 -7.45 -2.41 1.91
C THR B 34 -7.42 -0.97 2.32
N ALA B 35 -6.23 -0.40 2.51
CA ALA B 35 -6.12 0.98 2.95
C ALA B 35 -6.57 2.01 1.92
N GLU B 36 -6.46 1.69 0.64
CA GLU B 36 -6.88 2.62 -0.39
C GLU B 36 -8.36 2.48 -0.73
N ALA B 37 -8.93 1.28 -0.58
CA ALA B 37 -10.38 1.11 -0.57
C ALA B 37 -10.93 1.89 0.60
N CYS B 38 -10.42 1.59 1.79
CA CYS B 38 -10.86 2.20 3.08
C CYS B 38 -10.86 3.73 3.11
N SER B 39 -10.07 4.33 2.24
CA SER B 39 -9.84 5.78 2.20
C SER B 39 -10.63 6.37 1.05
N ARG B 40 -11.42 5.55 0.41
CA ARG B 40 -12.37 6.01 -0.57
C ARG B 40 -13.79 5.73 -0.04
N GLN B 41 -13.84 5.07 1.12
CA GLN B 41 -15.04 4.87 1.92
C GLN B 41 -15.27 6.07 2.81
N HIS B 42 -14.22 6.86 3.05
CA HIS B 42 -14.29 8.02 3.92
C HIS B 42 -14.37 9.29 3.05
N ARG B 43 -14.05 9.19 1.75
CA ARG B 43 -14.30 10.29 0.78
C ARG B 43 -15.79 10.46 0.57
N LEU B 44 -16.55 9.35 0.79
CA LEU B 44 -18.01 9.23 0.51
C LEU B 44 -18.90 9.28 1.75
N ASP B 45 -18.43 8.69 2.87
CA ASP B 45 -18.98 9.02 4.19
C ASP B 45 -18.85 10.53 4.51
N GLN B 46 -18.00 11.25 3.76
CA GLN B 46 -17.87 12.74 3.84
C GLN B 46 -18.80 13.49 2.86
N ASP B 47 -19.13 12.87 1.72
CA ASP B 47 -20.10 13.49 0.81
C ASP B 47 -21.56 13.27 1.22
N LYS B 48 -21.87 12.08 1.70
CA LYS B 48 -23.21 11.76 2.17
C LYS B 48 -23.58 12.75 3.30
N ILE B 49 -22.66 12.87 4.26
CA ILE B 49 -22.74 13.84 5.36
C ILE B 49 -22.96 15.24 4.85
N GLU B 50 -22.34 15.57 3.73
CA GLU B 50 -22.39 16.95 3.24
C GLU B 50 -23.74 17.20 2.52
N ALA B 51 -24.17 16.28 1.67
CA ALA B 51 -25.48 16.41 1.03
C ALA B 51 -26.67 16.19 2.00
N LEU B 52 -26.46 15.39 3.05
CA LEU B 52 -27.49 15.24 4.03
C LEU B 52 -27.60 16.55 4.86
N SER B 53 -26.48 17.01 5.39
CA SER B 53 -26.41 18.27 6.13
C SER B 53 -26.99 19.52 5.43
N SER B 54 -26.99 19.52 4.10
CA SER B 54 -27.65 20.63 3.36
C SER B 54 -29.19 20.48 3.03
N LYS B 55 -29.73 19.26 3.19
CA LYS B 55 -31.16 19.03 3.01
C LYS B 55 -31.78 19.40 4.33
N VAL B 56 -31.06 19.15 5.41
CA VAL B 56 -31.51 19.69 6.66
C VAL B 56 -31.54 21.24 6.71
N GLN B 57 -30.52 21.90 6.14
CA GLN B 57 -30.52 23.34 6.10
C GLN B 57 -31.68 23.69 5.20
N GLN B 58 -31.78 23.08 4.01
CA GLN B 58 -32.96 23.31 3.13
C GLN B 58 -34.31 23.19 3.92
N LEU B 59 -34.43 22.17 4.76
CA LEU B 59 -35.59 21.98 5.59
C LEU B 59 -35.78 23.01 6.68
N GLU B 60 -34.74 23.43 7.38
CA GLU B 60 -35.05 24.28 8.51
C GLU B 60 -35.25 25.73 8.12
N ARG B 61 -34.81 26.08 6.91
CA ARG B 61 -35.13 27.35 6.29
C ARG B 61 -36.64 27.29 5.93
N SER B 62 -37.07 26.13 5.43
CA SER B 62 -38.45 25.93 5.07
C SER B 62 -39.42 26.12 6.26
N ILE B 63 -39.02 25.72 7.48
CA ILE B 63 -39.79 25.99 8.71
C ILE B 63 -39.01 27.06 9.56
N GLU C 2 33.27 -24.19 -6.83
CA GLU C 2 31.96 -24.69 -6.30
C GLU C 2 31.58 -23.96 -4.99
N LEU C 3 32.33 -24.14 -3.90
CA LEU C 3 32.06 -23.42 -2.62
C LEU C 3 32.48 -21.96 -2.77
N LEU C 4 33.57 -21.76 -3.50
CA LEU C 4 33.92 -20.48 -4.08
C LEU C 4 32.72 -19.81 -4.81
N GLN C 5 31.72 -20.62 -5.22
CA GLN C 5 30.61 -20.23 -6.14
C GLN C 5 29.12 -20.38 -5.65
N ARG C 6 28.91 -21.31 -4.72
CA ARG C 6 27.64 -21.59 -4.04
C ARG C 6 27.36 -20.40 -3.14
N CYS C 7 28.48 -19.82 -2.74
CA CYS C 7 28.57 -18.91 -1.70
C CYS C 7 28.46 -17.56 -2.32
N GLU C 8 29.09 -17.33 -3.48
CA GLU C 8 28.83 -16.08 -4.28
C GLU C 8 27.37 -15.99 -4.76
N SER C 9 26.75 -17.15 -4.97
CA SER C 9 25.35 -17.26 -5.22
C SER C 9 24.48 -16.80 -4.00
N LEU C 10 24.79 -17.34 -2.81
CA LEU C 10 24.19 -16.91 -1.54
C LEU C 10 24.25 -15.40 -1.33
N GLU C 11 25.40 -14.81 -1.61
CA GLU C 11 25.57 -13.35 -1.59
C GLU C 11 24.55 -12.56 -2.42
N LYS C 12 24.25 -13.09 -3.61
CA LYS C 12 23.43 -12.44 -4.62
C LYS C 12 21.97 -12.54 -4.30
N LYS C 13 21.55 -13.76 -3.87
CA LYS C 13 20.16 -14.12 -3.72
C LYS C 13 19.75 -13.29 -2.53
N THR C 14 20.61 -13.31 -1.53
CA THR C 14 20.45 -12.52 -0.31
C THR C 14 20.30 -10.95 -0.49
N ALA C 15 21.23 -10.32 -1.23
CA ALA C 15 21.11 -8.88 -1.47
C ALA C 15 19.80 -8.54 -2.13
N THR C 16 19.37 -9.38 -3.06
CA THR C 16 18.08 -9.17 -3.71
C THR C 16 16.96 -9.16 -2.65
N PHE C 17 16.91 -10.18 -1.80
CA PHE C 17 15.91 -10.14 -0.73
C PHE C 17 16.05 -8.90 0.08
N GLU C 18 17.25 -8.55 0.57
CA GLU C 18 17.33 -7.34 1.41
C GLU C 18 16.79 -6.17 0.60
N ASN C 19 17.18 -6.04 -0.66
CA ASN C 19 16.66 -4.93 -1.43
C ASN C 19 15.16 -4.96 -1.55
N ILE C 20 14.55 -6.13 -1.77
CA ILE C 20 13.10 -6.13 -1.99
C ILE C 20 12.39 -5.75 -0.72
N VAL C 21 12.89 -6.26 0.42
CA VAL C 21 12.22 -6.00 1.74
C VAL C 21 12.36 -4.53 2.17
N CYS C 22 13.42 -3.91 1.70
CA CYS C 22 13.60 -2.49 1.89
C CYS C 22 12.51 -1.62 1.16
N VAL C 23 12.09 -2.06 -0.02
CA VAL C 23 10.93 -1.46 -0.73
C VAL C 23 9.59 -1.72 0.00
N LEU C 24 9.43 -2.91 0.55
CA LEU C 24 8.17 -3.20 1.21
C LEU C 24 8.09 -2.38 2.48
N ASN C 25 9.21 -2.24 3.22
CA ASN C 25 9.19 -1.31 4.40
C ASN C 25 8.62 0.06 4.03
N ARG C 26 9.06 0.60 2.88
CA ARG C 26 8.63 1.90 2.45
C ARG C 26 7.17 1.85 2.10
N GLU C 27 6.77 0.82 1.34
CA GLU C 27 5.36 0.66 1.00
C GLU C 27 4.49 0.64 2.25
N VAL C 28 4.80 -0.25 3.21
CA VAL C 28 3.98 -0.31 4.43
C VAL C 28 3.92 1.03 5.12
N GLU C 29 5.00 1.82 5.18
CA GLU C 29 4.91 3.08 5.99
C GLU C 29 4.11 4.16 5.29
N ARG C 30 4.05 4.14 3.95
CA ARG C 30 3.15 5.02 3.19
C ARG C 30 1.73 4.59 3.55
N VAL C 31 1.49 3.28 3.48
CA VAL C 31 0.19 2.75 3.82
C VAL C 31 -0.20 3.16 5.26
N ALA C 32 0.71 3.08 6.23
CA ALA C 32 0.39 3.60 7.58
C ALA C 32 -0.07 5.06 7.65
N MET C 33 0.50 5.93 6.82
CA MET C 33 0.17 7.33 6.83
C MET C 33 -1.26 7.53 6.34
N THR C 34 -1.62 6.73 5.36
CA THR C 34 -2.95 6.64 4.85
C THR C 34 -3.95 6.22 5.93
N ALA C 35 -3.72 5.06 6.54
CA ALA C 35 -4.64 4.55 7.54
C ALA C 35 -4.76 5.54 8.67
N GLU C 36 -3.64 6.14 9.12
CA GLU C 36 -3.62 7.09 10.23
C GLU C 36 -4.40 8.37 9.86
N ALA C 37 -4.01 9.05 8.77
CA ALA C 37 -4.68 10.25 8.27
C ALA C 37 -6.19 10.05 8.22
N CYS C 38 -6.58 8.86 7.75
CA CYS C 38 -7.99 8.44 7.56
C CYS C 38 -8.73 8.00 8.83
N SER C 39 -8.00 7.39 9.76
CA SER C 39 -8.63 7.02 11.01
C SER C 39 -8.96 8.28 11.80
N ARG C 40 -8.00 9.22 11.85
CA ARG C 40 -8.06 10.37 12.74
C ARG C 40 -8.92 11.49 12.20
N GLN C 41 -9.22 11.45 10.87
CA GLN C 41 -10.23 12.32 10.18
C GLN C 41 -11.72 11.96 10.50
N HIS C 42 -12.08 10.68 10.36
CA HIS C 42 -13.38 10.17 10.87
C HIS C 42 -13.71 10.67 12.30
N ARG C 43 -12.71 10.88 13.16
CA ARG C 43 -12.92 11.49 14.47
C ARG C 43 -13.85 12.74 14.32
N LEU C 44 -13.54 13.60 13.36
CA LEU C 44 -14.42 14.70 12.93
C LEU C 44 -15.78 14.20 12.42
N ASP C 45 -15.77 13.43 11.32
CA ASP C 45 -16.99 12.75 10.73
C ASP C 45 -18.05 12.12 11.71
N GLN C 46 -17.63 11.73 12.91
CA GLN C 46 -18.54 11.21 13.97
C GLN C 46 -19.16 12.35 14.77
N ASP C 47 -18.53 13.51 14.71
CA ASP C 47 -19.07 14.71 15.32
C ASP C 47 -20.11 15.41 14.42
N LYS C 48 -19.79 15.54 13.13
CA LYS C 48 -20.75 16.15 12.25
C LYS C 48 -22.02 15.31 12.18
N ILE C 49 -21.85 14.00 12.23
CA ILE C 49 -22.99 13.07 12.30
C ILE C 49 -23.83 13.28 13.57
N GLU C 50 -23.20 13.48 14.72
CA GLU C 50 -23.93 13.71 15.96
C GLU C 50 -24.68 15.02 15.94
N ALA C 51 -24.07 16.09 15.41
CA ALA C 51 -24.71 17.41 15.20
C ALA C 51 -26.01 17.31 14.36
N LEU C 52 -25.89 16.55 13.27
CA LEU C 52 -26.97 16.26 12.37
C LEU C 52 -28.15 15.60 13.05
N SER C 53 -28.00 14.35 13.48
CA SER C 53 -29.07 13.59 14.09
C SER C 53 -29.66 14.39 15.23
N SER C 54 -28.87 15.30 15.82
CA SER C 54 -29.42 16.23 16.81
C SER C 54 -30.32 17.26 16.14
N LYS C 55 -29.87 17.86 15.04
CA LYS C 55 -30.73 18.75 14.29
C LYS C 55 -31.98 18.02 13.74
N VAL C 56 -31.82 16.79 13.26
CA VAL C 56 -32.93 16.05 12.66
C VAL C 56 -34.00 15.68 13.71
N GLN C 57 -33.57 15.40 14.95
CA GLN C 57 -34.54 15.15 16.03
C GLN C 57 -35.31 16.47 16.38
N GLN C 58 -34.63 17.60 16.55
CA GLN C 58 -35.31 18.86 16.79
C GLN C 58 -36.25 19.19 15.63
N LEU C 59 -35.84 18.87 14.42
CA LEU C 59 -36.65 19.14 13.22
C LEU C 59 -37.79 18.17 13.11
N GLU C 60 -37.59 16.96 13.63
CA GLU C 60 -38.62 15.93 13.68
C GLU C 60 -39.70 16.29 14.73
N ARG C 61 -39.35 17.11 15.72
CA ARG C 61 -40.20 17.45 16.86
C ARG C 61 -40.99 18.77 16.61
N SER C 62 -40.61 19.48 15.56
CA SER C 62 -41.37 20.61 15.15
C SER C 62 -42.44 20.13 14.19
N ILE C 63 -42.06 19.28 13.23
CA ILE C 63 -43.01 18.80 12.18
C ILE C 63 -43.98 17.68 12.65
N MET D 1 13.92 -18.20 -10.97
CA MET D 1 13.31 -18.79 -9.68
C MET D 1 12.29 -17.98 -8.82
N LEU D 2 12.01 -16.73 -9.19
CA LEU D 2 11.19 -15.78 -8.43
C LEU D 2 10.74 -14.69 -9.40
N SER D 3 9.52 -14.16 -9.27
CA SER D 3 8.84 -13.48 -10.38
C SER D 3 9.67 -12.34 -10.94
N CYS D 4 9.67 -12.13 -12.27
CA CYS D 4 10.37 -10.95 -12.84
C CYS D 4 10.01 -9.69 -12.13
N GLU D 5 8.69 -9.46 -11.95
CA GLU D 5 8.15 -8.28 -11.27
C GLU D 5 8.93 -7.97 -10.01
N LEU D 6 9.07 -8.97 -9.14
CA LEU D 6 9.86 -8.79 -7.92
C LEU D 6 11.33 -8.52 -8.18
N TYR D 7 11.91 -9.08 -9.22
CA TYR D 7 13.30 -8.67 -9.49
C TYR D 7 13.30 -7.21 -9.86
N ARG D 8 12.38 -6.78 -10.71
CA ARG D 8 12.21 -5.34 -11.03
C ARG D 8 11.89 -4.52 -9.82
N MET D 9 11.19 -5.10 -8.86
CA MET D 9 10.91 -4.29 -7.73
C MET D 9 12.19 -4.04 -6.92
N SER D 10 13.12 -5.00 -6.93
CA SER D 10 14.25 -4.84 -6.03
C SER D 10 15.05 -3.69 -6.51
N THR D 11 14.99 -3.36 -7.81
CA THR D 11 15.87 -2.18 -8.17
C THR D 11 15.33 -0.88 -7.58
N TYR D 12 14.14 -0.89 -6.95
CA TYR D 12 13.69 0.41 -6.36
C TYR D 12 14.24 0.70 -4.97
N SER D 13 15.11 -0.13 -4.39
CA SER D 13 15.53 0.14 -2.97
C SER D 13 16.13 1.55 -2.75
N THR D 14 16.64 2.13 -3.83
CA THR D 14 17.33 3.41 -3.89
C THR D 14 16.41 4.47 -4.41
N PHE D 15 15.20 4.12 -4.78
CA PHE D 15 14.30 5.13 -5.37
C PHE D 15 14.17 6.37 -4.45
N PRO D 16 14.26 7.57 -5.00
CA PRO D 16 14.10 8.75 -4.10
C PRO D 16 12.67 8.89 -3.48
N ALA D 17 12.59 9.36 -2.23
CA ALA D 17 11.27 9.46 -1.51
C ALA D 17 10.34 10.58 -1.98
N GLY D 18 9.06 10.45 -1.70
CA GLY D 18 8.14 11.52 -2.05
C GLY D 18 7.80 11.65 -3.52
N VAL D 19 8.34 10.73 -4.28
CA VAL D 19 7.81 10.43 -5.59
C VAL D 19 6.33 9.98 -5.42
N PRO D 20 5.39 10.65 -6.11
CA PRO D 20 3.98 10.34 -5.80
C PRO D 20 3.43 9.16 -6.60
N VAL D 21 4.31 8.25 -7.04
CA VAL D 21 3.88 6.98 -7.65
C VAL D 21 4.49 5.74 -7.04
N SER D 22 3.75 4.64 -7.12
CA SER D 22 4.14 3.44 -6.42
C SER D 22 5.36 2.81 -7.11
N GLU D 23 6.36 2.42 -6.31
CA GLU D 23 7.38 1.48 -6.79
C GLU D 23 6.67 0.24 -7.37
N ARG D 24 5.79 -0.37 -6.56
CA ARG D 24 5.00 -1.54 -6.98
C ARG D 24 4.30 -1.34 -8.31
N SER D 25 3.65 -0.19 -8.50
CA SER D 25 2.99 0.06 -9.77
C SER D 25 3.98 0.29 -10.94
N LEU D 26 5.14 0.90 -10.69
CA LEU D 26 6.21 1.02 -11.71
C LEU D 26 6.74 -0.35 -12.20
N ALA D 27 7.23 -1.18 -11.26
CA ALA D 27 7.70 -2.51 -11.58
C ALA D 27 6.58 -3.33 -12.22
N ARG D 28 5.35 -3.14 -11.74
CA ARG D 28 4.25 -3.95 -12.30
C ARG D 28 4.10 -3.58 -13.77
N ALA D 29 4.26 -2.30 -14.13
CA ALA D 29 4.06 -1.88 -15.54
C ALA D 29 5.21 -2.29 -16.43
N GLY D 30 6.23 -2.91 -15.83
CA GLY D 30 7.40 -3.42 -16.57
C GLY D 30 8.66 -2.60 -16.49
N PHE D 31 8.73 -1.64 -15.57
CA PHE D 31 9.84 -0.67 -15.56
C PHE D 31 10.69 -0.95 -14.36
N TYR D 32 12.02 -0.91 -14.51
CA TYR D 32 12.85 -1.01 -13.34
C TYR D 32 13.63 0.29 -13.17
N TYR D 33 14.21 0.48 -12.01
CA TYR D 33 14.73 1.79 -11.71
C TYR D 33 16.10 1.97 -12.34
N THR D 34 16.38 3.16 -12.86
CA THR D 34 17.67 3.40 -13.42
C THR D 34 18.69 3.91 -12.42
N GLY D 35 18.27 4.48 -11.31
CA GLY D 35 19.29 4.96 -10.36
C GLY D 35 19.63 6.41 -10.58
N VAL D 36 18.89 7.03 -11.51
CA VAL D 36 18.96 8.45 -11.83
C VAL D 36 17.60 9.08 -11.53
N ASN D 37 17.60 10.02 -10.60
CA ASN D 37 16.43 10.83 -10.26
C ASN D 37 15.29 9.89 -10.04
N ASP D 38 14.19 10.13 -10.76
CA ASP D 38 13.04 9.19 -10.74
C ASP D 38 12.79 8.55 -12.08
N LYS D 39 13.86 8.48 -12.89
CA LYS D 39 13.80 7.87 -14.20
C LYS D 39 13.81 6.34 -14.03
N VAL D 40 12.84 5.69 -14.67
CA VAL D 40 12.77 4.24 -14.70
C VAL D 40 12.77 3.77 -16.14
N LYS D 41 12.99 2.47 -16.36
CA LYS D 41 13.14 1.97 -17.72
C LYS D 41 12.50 0.57 -17.96
N CYS D 42 11.76 0.41 -19.06
CA CYS D 42 11.02 -0.83 -19.24
C CYS D 42 12.05 -1.83 -19.71
N PHE D 43 12.15 -2.94 -18.97
CA PHE D 43 13.13 -4.00 -19.37
C PHE D 43 12.90 -4.53 -20.81
N CYS D 44 11.70 -4.33 -21.31
CA CYS D 44 11.36 -4.88 -22.59
C CYS D 44 11.70 -3.92 -23.74
N CYS D 45 11.14 -2.73 -23.69
CA CYS D 45 11.21 -1.92 -24.87
C CYS D 45 12.29 -0.87 -24.79
N GLY D 46 12.79 -0.61 -23.57
CA GLY D 46 13.83 0.42 -23.33
C GLY D 46 13.30 1.84 -23.07
N LEU D 47 11.97 1.91 -22.89
CA LEU D 47 11.24 3.17 -22.73
C LEU D 47 11.62 3.82 -21.41
N MET D 48 12.09 5.07 -21.51
CA MET D 48 12.45 5.82 -20.32
C MET D 48 11.47 6.92 -19.98
N LEU D 49 10.96 6.85 -18.77
CA LEU D 49 10.04 7.86 -18.28
C LEU D 49 10.60 8.46 -16.99
N ASP D 50 10.45 9.78 -16.78
CA ASP D 50 10.77 10.44 -15.50
C ASP D 50 9.80 11.57 -15.15
N ASN D 51 10.15 12.40 -14.15
CA ASN D 51 9.33 13.50 -13.65
C ASN D 51 7.88 13.09 -13.40
N TRP D 52 7.65 12.12 -12.52
CA TRP D 52 6.29 11.53 -12.29
C TRP D 52 5.40 12.46 -11.42
N LYS D 53 4.13 12.64 -11.79
CA LYS D 53 3.18 13.44 -10.98
C LYS D 53 2.04 12.56 -10.37
N ARG D 54 1.22 13.12 -9.47
CA ARG D 54 0.12 12.36 -8.88
C ARG D 54 -0.90 11.95 -9.95
N GLY D 55 -1.62 10.84 -9.69
CA GLY D 55 -2.66 10.30 -10.60
C GLY D 55 -2.23 9.80 -11.98
N ASP D 56 -0.91 9.92 -12.27
CA ASP D 56 -0.16 9.26 -13.39
C ASP D 56 -0.37 7.74 -13.36
N SER D 57 -0.60 7.14 -14.50
CA SER D 57 -0.67 5.69 -14.50
C SER D 57 0.46 5.17 -15.37
N PRO D 58 1.48 4.50 -14.74
CA PRO D 58 2.62 3.91 -15.46
C PRO D 58 2.13 2.91 -16.51
N THR D 59 1.15 2.09 -16.12
CA THR D 59 0.47 1.18 -17.04
C THR D 59 -0.10 1.90 -18.28
N GLU D 60 -0.98 2.90 -18.07
CA GLU D 60 -1.50 3.72 -19.19
C GLU D 60 -0.38 4.40 -19.98
N LYS D 61 0.38 5.29 -19.34
CA LYS D 61 1.50 6.04 -19.95
C LYS D 61 2.48 5.17 -20.75
N HIS D 62 2.67 3.91 -20.33
CA HIS D 62 3.41 2.87 -21.10
C HIS D 62 2.62 2.67 -22.42
N LYS D 63 1.37 2.13 -22.36
CA LYS D 63 0.51 1.93 -23.59
C LYS D 63 0.54 3.17 -24.58
N LYS D 64 0.24 4.37 -24.09
CA LYS D 64 0.30 5.63 -24.86
C LYS D 64 1.61 5.90 -25.60
N LEU D 65 2.74 5.49 -25.06
CA LEU D 65 4.04 5.97 -25.58
C LEU D 65 4.80 5.00 -26.48
N TYR D 66 4.42 3.73 -26.45
CA TYR D 66 5.15 2.65 -27.13
C TYR D 66 4.34 1.34 -27.10
N PRO D 67 3.31 1.23 -27.95
CA PRO D 67 2.35 0.13 -27.79
C PRO D 67 2.81 -1.19 -28.45
N SER D 68 3.92 -1.10 -29.22
CA SER D 68 4.54 -2.24 -29.94
C SER D 68 5.29 -3.20 -29.04
N CYS D 69 5.30 -2.85 -27.75
CA CYS D 69 6.13 -3.53 -26.76
C CYS D 69 5.55 -4.90 -26.48
N ARG D 70 6.33 -5.92 -26.77
CA ARG D 70 5.91 -7.27 -26.50
C ARG D 70 5.38 -7.38 -25.11
N PHE D 71 5.98 -6.65 -24.19
CA PHE D 71 5.49 -6.65 -22.79
C PHE D 71 4.16 -5.93 -22.58
N VAL D 72 4.09 -4.69 -23.07
CA VAL D 72 2.92 -3.86 -22.83
C VAL D 72 1.64 -4.52 -23.34
N GLN D 73 1.81 -5.38 -24.37
CA GLN D 73 0.74 -6.12 -25.05
C GLN D 73 -0.24 -6.72 -24.02
N SER D 74 0.27 -7.05 -22.81
CA SER D 74 -0.62 -7.43 -21.69
C SER D 74 -1.13 -6.28 -20.81
ZN ZN E . 7.91 -1.76 -22.64
#